data_4RXH
#
_entry.id   4RXH
#
_cell.length_a   45.127
_cell.length_b   64.494
_cell.length_c   185.650
_cell.angle_alpha   90.00
_cell.angle_beta   90.00
_cell.angle_gamma   90.00
#
_symmetry.space_group_name_H-M   'P 21 21 21'
#
loop_
_entity.id
_entity.type
_entity.pdbx_description
1 polymer 'Importin subunit alpha'
2 polymer 'Large T antigen'
3 water water
#
loop_
_entity_poly.entity_id
_entity_poly.type
_entity_poly.pdbx_seq_one_letter_code
_entity_poly.pdbx_strand_id
1 'polypeptide(L)'
;MGSSHHHHHHSSGLVPRGSHMTESQLSEDLPKMVEGVFSSEIDKQIQATTKFRKLLSKERNPPIEEVIKTGVVGRFVEFL
RSPHTLVQFEAAWALTNIASGSATQTQVVIEAGAVPIFVELLGSPEPDVREQAVWALGNIAGDSPQCRDYVLSCGALRPL
LTLLGDSRKLSMLRNATWTLSNFCRGKTPQPDWNTIAPALPVLAKLVYSLDDEVLIDACWAISYLSDGSNDKIQAVIEAG
IPRRLVELLMHASTSVQTPALRSVGNIVTGDDVQTQVIINCGALPCLLSLLSSNKDGIRKEACWTISNITAGNSAQIQSV
IDANIIPPLIHLLSHADLKTRKEACWAISNATSGGLQKPDQIRYLVAQGCIKPLCDLLACPDNKIIQVALDGLENILKVG
ELDKNAAGDGPDSINRYALFIEECGGMEKIHDCQTNANEEIYMKAYNIIEKYFSDEDEAGDEAMGAQQQFGFGASGGAQQ
GGFNFGANGTESMDM
;
B
2 'polypeptide(L)' PPKKKRKV A,C
#
# COMPACT_ATOMS: atom_id res chain seq x y z
N ASP A 29 15.10 -42.92 1.09
CA ASP A 29 15.32 -43.31 2.49
C ASP A 29 16.16 -42.26 3.21
N LEU A 30 15.56 -41.65 4.22
CA LEU A 30 16.12 -40.49 4.90
C LEU A 30 17.50 -40.71 5.52
N PRO A 31 17.71 -41.82 6.26
CA PRO A 31 19.05 -41.98 6.84
C PRO A 31 20.18 -42.06 5.82
N LYS A 32 19.91 -42.68 4.67
CA LYS A 32 20.92 -42.77 3.62
C LYS A 32 21.18 -41.40 3.00
N MET A 33 20.13 -40.59 2.91
CA MET A 33 20.28 -39.22 2.42
C MET A 33 21.15 -38.38 3.37
N VAL A 34 20.92 -38.51 4.68
CA VAL A 34 21.73 -37.79 5.65
C VAL A 34 23.19 -38.22 5.53
N GLU A 35 23.40 -39.53 5.41
CA GLU A 35 24.73 -40.07 5.23
C GLU A 35 25.43 -39.46 4.02
N GLY A 36 24.67 -39.31 2.92
CA GLY A 36 25.22 -38.71 1.71
C GLY A 36 25.60 -37.26 1.89
N VAL A 37 24.76 -36.50 2.58
CA VAL A 37 25.03 -35.08 2.85
C VAL A 37 26.27 -34.91 3.74
N PHE A 38 26.50 -35.85 4.65
CA PHE A 38 27.66 -35.72 5.53
C PHE A 38 28.90 -36.39 4.95
N SER A 39 28.77 -36.97 3.75
CA SER A 39 29.91 -37.51 3.02
C SER A 39 30.86 -36.39 2.60
N SER A 40 32.11 -36.73 2.33
CA SER A 40 33.07 -35.75 1.86
C SER A 40 33.21 -35.79 0.33
N GLU A 41 32.43 -36.65 -0.32
CA GLU A 41 32.54 -36.80 -1.78
C GLU A 41 31.47 -35.97 -2.49
N ILE A 42 31.89 -35.14 -3.44
CA ILE A 42 30.98 -34.17 -4.04
C ILE A 42 29.79 -34.87 -4.74
N ASP A 43 30.02 -36.03 -5.34
CA ASP A 43 28.94 -36.67 -6.07
C ASP A 43 27.89 -37.21 -5.09
N LYS A 44 28.32 -37.75 -3.95
CA LYS A 44 27.37 -38.19 -2.93
C LYS A 44 26.63 -37.01 -2.29
N GLN A 45 27.35 -35.92 -2.07
CA GLN A 45 26.73 -34.71 -1.54
C GLN A 45 25.63 -34.21 -2.47
N ILE A 46 25.92 -34.14 -3.76
CA ILE A 46 24.95 -33.63 -4.72
C ILE A 46 23.74 -34.54 -4.85
N GLN A 47 23.97 -35.85 -4.89
CA GLN A 47 22.86 -36.78 -5.04
C GLN A 47 21.91 -36.67 -3.84
N ALA A 48 22.48 -36.61 -2.65
CA ALA A 48 21.67 -36.52 -1.42
C ALA A 48 20.97 -35.17 -1.28
N THR A 49 21.69 -34.10 -1.59
CA THR A 49 21.09 -32.77 -1.49
C THR A 49 19.96 -32.61 -2.50
N THR A 50 20.14 -33.18 -3.68
CA THR A 50 19.08 -33.14 -4.70
C THR A 50 17.85 -33.88 -4.18
N LYS A 51 18.06 -35.00 -3.50
CA LYS A 51 16.91 -35.72 -2.94
C LYS A 51 16.19 -34.90 -1.87
N PHE A 52 16.95 -34.18 -1.05
CA PHE A 52 16.35 -33.28 -0.08
C PHE A 52 15.59 -32.16 -0.77
N ARG A 53 16.18 -31.60 -1.81
CA ARG A 53 15.55 -30.53 -2.57
C ARG A 53 14.20 -31.00 -3.11
N LYS A 54 14.17 -32.23 -3.62
CA LYS A 54 12.94 -32.75 -4.21
C LYS A 54 11.88 -33.00 -3.12
N LEU A 55 12.30 -33.53 -1.98
CA LEU A 55 11.39 -33.67 -0.83
C LEU A 55 10.74 -32.35 -0.45
N LEU A 56 11.56 -31.31 -0.44
CA LEU A 56 11.13 -30.00 0.03
C LEU A 56 10.33 -29.25 -1.03
N SER A 57 10.28 -29.82 -2.24
CA SER A 57 9.58 -29.22 -3.38
C SER A 57 8.29 -29.94 -3.72
N LYS A 58 7.87 -30.89 -2.89
CA LYS A 58 6.71 -31.71 -3.26
C LYS A 58 5.43 -30.87 -3.30
N GLU A 59 4.40 -31.37 -3.97
CA GLU A 59 3.17 -30.62 -4.19
C GLU A 59 2.56 -30.04 -2.90
N ARG A 60 2.30 -30.91 -1.92
CA ARG A 60 1.70 -30.45 -0.67
C ARG A 60 2.46 -30.93 0.57
N ASN A 61 2.41 -30.11 1.62
CA ASN A 61 2.98 -30.46 2.93
C ASN A 61 4.41 -30.97 2.88
N PRO A 62 5.35 -30.14 2.42
CA PRO A 62 6.75 -30.55 2.45
C PRO A 62 7.19 -30.85 3.88
N PRO A 63 7.99 -31.90 4.09
CA PRO A 63 8.36 -32.28 5.45
C PRO A 63 9.51 -31.43 5.99
N ILE A 64 9.30 -30.12 6.07
CA ILE A 64 10.34 -29.20 6.50
C ILE A 64 10.84 -29.51 7.89
N GLU A 65 9.92 -29.73 8.83
CA GLU A 65 10.32 -29.99 10.21
C GLU A 65 11.18 -31.26 10.30
N GLU A 66 10.78 -32.30 9.56
CA GLU A 66 11.50 -33.56 9.57
C GLU A 66 12.91 -33.39 9.02
N VAL A 67 13.03 -32.62 7.95
CA VAL A 67 14.34 -32.38 7.35
C VAL A 67 15.25 -31.62 8.32
N ILE A 68 14.72 -30.57 8.95
CA ILE A 68 15.49 -29.80 9.94
C ILE A 68 16.05 -30.69 11.06
N LYS A 69 15.20 -31.61 11.55
CA LYS A 69 15.58 -32.50 12.62
C LYS A 69 16.72 -33.47 12.27
N THR A 70 16.98 -33.67 10.98
CA THR A 70 18.08 -34.55 10.58
C THR A 70 19.43 -33.88 10.78
N GLY A 71 19.41 -32.56 10.94
CA GLY A 71 20.63 -31.81 11.18
C GLY A 71 21.40 -31.43 9.93
N VAL A 72 20.77 -31.48 8.76
CA VAL A 72 21.49 -31.20 7.52
C VAL A 72 21.60 -29.72 7.16
N VAL A 73 20.87 -28.85 7.85
CA VAL A 73 20.81 -27.45 7.43
C VAL A 73 22.20 -26.82 7.44
N GLY A 74 22.99 -27.10 8.47
CA GLY A 74 24.35 -26.58 8.52
C GLY A 74 25.24 -27.02 7.37
N ARG A 75 25.08 -28.28 6.95
CA ARG A 75 25.79 -28.79 5.77
C ARG A 75 25.35 -28.05 4.50
N PHE A 76 24.05 -27.79 4.36
CA PHE A 76 23.55 -27.05 3.19
C PHE A 76 24.21 -25.68 3.10
N VAL A 77 24.35 -25.03 4.25
CA VAL A 77 25.00 -23.73 4.31
C VAL A 77 26.49 -23.84 3.93
N GLU A 78 27.17 -24.89 4.39
CA GLU A 78 28.53 -25.17 3.92
C GLU A 78 28.59 -25.31 2.40
N PHE A 79 27.61 -26.00 1.82
CA PHE A 79 27.63 -26.26 0.39
C PHE A 79 27.49 -24.96 -0.42
N LEU A 80 26.93 -23.92 0.19
CA LEU A 80 26.80 -22.64 -0.48
C LEU A 80 28.16 -22.04 -0.83
N ARG A 81 29.22 -22.49 -0.16
CA ARG A 81 30.57 -22.01 -0.45
C ARG A 81 31.41 -23.01 -1.25
N SER A 82 30.78 -24.08 -1.72
CA SER A 82 31.48 -25.03 -2.60
C SER A 82 31.81 -24.42 -3.96
N PRO A 83 32.97 -24.80 -4.53
CA PRO A 83 33.32 -24.39 -5.89
C PRO A 83 32.43 -25.07 -6.95
N HIS A 84 31.73 -26.12 -6.57
CA HIS A 84 30.79 -26.79 -7.48
C HIS A 84 29.45 -26.09 -7.47
N THR A 85 29.16 -25.37 -8.54
CA THR A 85 27.95 -24.56 -8.61
C THR A 85 26.68 -25.41 -8.48
N LEU A 86 26.74 -26.68 -8.89
CA LEU A 86 25.53 -27.49 -8.80
C LEU A 86 25.13 -27.73 -7.35
N VAL A 87 26.10 -27.96 -6.47
CA VAL A 87 25.70 -28.22 -5.09
C VAL A 87 25.31 -26.90 -4.40
N GLN A 88 25.93 -25.79 -4.81
CA GLN A 88 25.49 -24.46 -4.37
C GLN A 88 24.01 -24.26 -4.68
N PHE A 89 23.65 -24.55 -5.92
CA PHE A 89 22.29 -24.35 -6.39
C PHE A 89 21.29 -25.25 -5.67
N GLU A 90 21.58 -26.55 -5.61
CA GLU A 90 20.68 -27.49 -4.94
C GLU A 90 20.53 -27.15 -3.46
N ALA A 91 21.63 -26.82 -2.80
CA ALA A 91 21.57 -26.44 -1.39
C ALA A 91 20.79 -25.14 -1.23
N ALA A 92 21.02 -24.17 -2.11
CA ALA A 92 20.29 -22.90 -2.04
C ALA A 92 18.77 -23.12 -2.21
N TRP A 93 18.39 -24.07 -3.08
CA TRP A 93 16.98 -24.35 -3.35
C TRP A 93 16.37 -25.01 -2.10
N ALA A 94 17.07 -25.97 -1.52
CA ALA A 94 16.60 -26.62 -0.29
C ALA A 94 16.39 -25.57 0.81
N LEU A 95 17.39 -24.72 0.99
CA LEU A 95 17.32 -23.68 2.03
C LEU A 95 16.19 -22.67 1.77
N THR A 96 16.03 -22.29 0.50
CA THR A 96 14.92 -21.42 0.09
C THR A 96 13.58 -22.00 0.58
N ASN A 97 13.39 -23.29 0.36
CA ASN A 97 12.13 -23.90 0.72
C ASN A 97 11.97 -24.14 2.23
N ILE A 98 13.07 -24.40 2.94
CA ILE A 98 12.95 -24.43 4.39
C ILE A 98 12.52 -23.05 4.91
N ALA A 99 13.06 -21.99 4.31
CA ALA A 99 12.72 -20.61 4.69
C ALA A 99 11.33 -20.19 4.22
N SER A 100 10.68 -21.00 3.38
CA SER A 100 9.32 -20.71 2.93
C SER A 100 8.32 -21.08 4.00
N GLY A 101 8.81 -21.70 5.07
CA GLY A 101 7.96 -22.21 6.12
C GLY A 101 7.67 -21.21 7.22
N SER A 102 7.53 -21.73 8.43
CA SER A 102 7.15 -20.95 9.61
C SER A 102 8.29 -20.05 10.08
N ALA A 103 7.97 -19.11 10.97
CA ALA A 103 8.98 -18.25 11.57
C ALA A 103 10.11 -19.04 12.23
N THR A 104 9.80 -20.14 12.91
CA THR A 104 10.87 -20.89 13.55
C THR A 104 11.71 -21.66 12.53
N GLN A 105 11.08 -22.09 11.45
CA GLN A 105 11.81 -22.81 10.41
C GLN A 105 12.77 -21.85 9.68
N THR A 106 12.30 -20.64 9.45
CA THR A 106 13.14 -19.58 8.88
C THR A 106 14.30 -19.23 9.81
N GLN A 107 14.03 -19.22 11.10
CA GLN A 107 15.06 -18.90 12.08
C GLN A 107 16.17 -19.95 12.10
N VAL A 108 15.84 -21.19 11.75
CA VAL A 108 16.85 -22.25 11.69
C VAL A 108 17.87 -21.92 10.60
N VAL A 109 17.37 -21.45 9.47
CA VAL A 109 18.22 -21.06 8.34
C VAL A 109 19.08 -19.83 8.69
N ILE A 110 18.48 -18.85 9.35
CA ILE A 110 19.21 -17.66 9.80
C ILE A 110 20.32 -18.01 10.80
N GLU A 111 19.97 -18.82 11.80
CA GLU A 111 20.94 -19.21 12.83
C GLU A 111 22.12 -19.98 12.24
N ALA A 112 21.88 -20.71 11.14
CA ALA A 112 22.94 -21.48 10.51
C ALA A 112 23.88 -20.59 9.72
N GLY A 113 23.55 -19.31 9.62
CA GLY A 113 24.44 -18.34 8.99
C GLY A 113 24.28 -18.21 7.48
N ALA A 114 23.10 -18.56 6.96
CA ALA A 114 22.87 -18.54 5.52
C ALA A 114 22.90 -17.14 4.90
N VAL A 115 22.44 -16.13 5.65
CA VAL A 115 22.15 -14.85 5.00
C VAL A 115 23.40 -14.11 4.49
N PRO A 116 24.49 -14.03 5.29
CA PRO A 116 25.66 -13.39 4.69
C PRO A 116 26.19 -14.12 3.45
N ILE A 117 26.06 -15.45 3.42
CA ILE A 117 26.53 -16.19 2.26
C ILE A 117 25.59 -15.98 1.06
N PHE A 118 24.27 -15.93 1.30
CA PHE A 118 23.36 -15.61 0.20
C PHE A 118 23.68 -14.25 -0.39
N VAL A 119 24.05 -13.29 0.46
CA VAL A 119 24.39 -11.96 -0.03
C VAL A 119 25.63 -12.02 -0.94
N GLU A 120 26.65 -12.79 -0.51
CA GLU A 120 27.81 -13.03 -1.37
C GLU A 120 27.39 -13.66 -2.70
N LEU A 121 26.43 -14.59 -2.65
CA LEU A 121 26.01 -15.31 -3.87
C LEU A 121 25.23 -14.43 -4.85
N LEU A 122 24.81 -13.26 -4.41
CA LEU A 122 24.17 -12.33 -5.34
C LEU A 122 25.20 -11.88 -6.37
N GLY A 123 26.48 -12.06 -6.05
CA GLY A 123 27.55 -11.76 -6.98
C GLY A 123 28.22 -12.99 -7.56
N SER A 124 27.55 -14.13 -7.49
CA SER A 124 28.06 -15.35 -8.12
C SER A 124 28.11 -15.20 -9.63
N PRO A 125 29.12 -15.83 -10.26
CA PRO A 125 29.20 -15.83 -11.72
C PRO A 125 28.12 -16.68 -12.39
N GLU A 126 27.41 -17.50 -11.61
CA GLU A 126 26.38 -18.38 -12.18
C GLU A 126 24.98 -17.80 -11.98
N PRO A 127 24.26 -17.54 -13.09
CA PRO A 127 22.98 -16.83 -12.97
C PRO A 127 21.91 -17.59 -12.18
N ASP A 128 21.89 -18.92 -12.29
CA ASP A 128 20.92 -19.70 -11.54
C ASP A 128 21.19 -19.64 -10.04
N VAL A 129 22.46 -19.58 -9.68
CA VAL A 129 22.80 -19.46 -8.28
C VAL A 129 22.43 -18.08 -7.78
N ARG A 130 22.77 -17.03 -8.54
CA ARG A 130 22.35 -15.67 -8.19
C ARG A 130 20.86 -15.61 -7.98
N GLU A 131 20.11 -16.20 -8.91
CA GLU A 131 18.65 -16.11 -8.85
C GLU A 131 18.08 -16.84 -7.64
N GLN A 132 18.63 -18.00 -7.30
CA GLN A 132 18.17 -18.75 -6.14
C GLN A 132 18.50 -17.99 -4.85
N ALA A 133 19.64 -17.32 -4.82
CA ALA A 133 19.99 -16.51 -3.66
C ALA A 133 19.01 -15.34 -3.49
N VAL A 134 18.62 -14.71 -4.60
CA VAL A 134 17.57 -13.69 -4.57
C VAL A 134 16.30 -14.23 -3.92
N TRP A 135 15.89 -15.43 -4.34
CA TRP A 135 14.65 -16.03 -3.85
C TRP A 135 14.76 -16.32 -2.36
N ALA A 136 15.87 -16.93 -1.94
CA ALA A 136 16.04 -17.27 -0.53
C ALA A 136 15.94 -16.01 0.33
N LEU A 137 16.60 -14.94 -0.10
CA LEU A 137 16.60 -13.70 0.66
C LEU A 137 15.21 -13.07 0.70
N GLY A 138 14.45 -13.24 -0.38
CA GLY A 138 13.05 -12.84 -0.41
C GLY A 138 12.23 -13.52 0.65
N ASN A 139 12.37 -14.84 0.77
CA ASN A 139 11.63 -15.59 1.78
C ASN A 139 12.04 -15.20 3.18
N ILE A 140 13.34 -15.04 3.39
CA ILE A 140 13.81 -14.73 4.73
C ILE A 140 13.35 -13.33 5.13
N ALA A 141 13.53 -12.36 4.25
CA ALA A 141 13.10 -10.99 4.54
C ALA A 141 11.57 -10.92 4.67
N GLY A 142 10.87 -11.81 3.97
CA GLY A 142 9.41 -11.81 4.02
C GLY A 142 8.85 -12.28 5.34
N ASP A 143 9.68 -12.86 6.21
CA ASP A 143 9.13 -13.46 7.42
C ASP A 143 8.59 -12.42 8.42
N SER A 144 9.27 -11.29 8.52
CA SER A 144 8.91 -10.25 9.49
C SER A 144 9.77 -9.01 9.29
N PRO A 145 9.34 -7.87 9.86
CA PRO A 145 10.18 -6.68 9.77
C PRO A 145 11.54 -6.88 10.40
N GLN A 146 11.60 -7.69 11.44
CA GLN A 146 12.86 -7.97 12.10
C GLN A 146 13.78 -8.77 11.17
N CYS A 147 13.21 -9.75 10.47
CA CYS A 147 14.01 -10.54 9.53
C CYS A 147 14.44 -9.70 8.34
N ARG A 148 13.54 -8.83 7.88
CA ARG A 148 13.83 -7.87 6.83
C ARG A 148 15.03 -7.02 7.20
N ASP A 149 15.02 -6.50 8.42
CA ASP A 149 16.10 -5.60 8.85
C ASP A 149 17.40 -6.38 9.00
N TYR A 150 17.32 -7.64 9.42
CA TYR A 150 18.55 -8.43 9.51
C TYR A 150 19.14 -8.61 8.11
N VAL A 151 18.29 -8.98 7.15
CA VAL A 151 18.75 -9.16 5.78
C VAL A 151 19.38 -7.87 5.23
N LEU A 152 18.74 -6.73 5.48
CA LEU A 152 19.29 -5.45 5.03
C LEU A 152 20.62 -5.16 5.72
N SER A 153 20.73 -5.52 6.99
CA SER A 153 21.95 -5.24 7.74
C SER A 153 23.15 -6.04 7.21
N CYS A 154 22.87 -7.12 6.50
CA CYS A 154 23.93 -7.92 5.89
C CYS A 154 24.34 -7.40 4.51
N GLY A 155 23.75 -6.27 4.10
CA GLY A 155 24.16 -5.62 2.86
C GLY A 155 23.53 -6.18 1.59
N ALA A 156 22.32 -6.71 1.71
CA ALA A 156 21.65 -7.33 0.56
C ALA A 156 21.15 -6.34 -0.50
N LEU A 157 20.88 -5.09 -0.13
CA LEU A 157 20.15 -4.20 -1.03
C LEU A 157 20.97 -3.81 -2.25
N ARG A 158 22.20 -3.34 -2.07
CA ARG A 158 22.98 -2.84 -3.20
C ARG A 158 23.22 -3.91 -4.27
N PRO A 159 23.64 -5.12 -3.89
CA PRO A 159 23.82 -6.12 -4.95
C PRO A 159 22.50 -6.54 -5.61
N LEU A 160 21.40 -6.50 -4.86
CA LEU A 160 20.09 -6.79 -5.46
C LEU A 160 19.72 -5.75 -6.51
N LEU A 161 19.92 -4.48 -6.17
CA LEU A 161 19.60 -3.37 -7.08
C LEU A 161 20.44 -3.43 -8.34
N THR A 162 21.70 -3.85 -8.20
CA THR A 162 22.58 -4.03 -9.33
C THR A 162 22.04 -5.08 -10.30
N LEU A 163 21.56 -6.21 -9.76
CA LEU A 163 20.97 -7.24 -10.59
C LEU A 163 19.75 -6.71 -11.34
N LEU A 164 18.98 -5.86 -10.70
CA LEU A 164 17.75 -5.35 -11.31
C LEU A 164 18.06 -4.41 -12.46
N GLY A 165 19.23 -3.77 -12.43
CA GLY A 165 19.65 -2.91 -13.50
C GLY A 165 20.33 -3.64 -14.65
N ASP A 166 20.89 -4.81 -14.35
CA ASP A 166 21.74 -5.56 -15.28
C ASP A 166 21.05 -6.73 -15.98
N SER A 167 20.22 -7.48 -15.27
CA SER A 167 19.71 -8.74 -15.82
C SER A 167 18.74 -8.52 -16.96
N ARG A 168 18.76 -9.42 -17.93
CA ARG A 168 17.80 -9.38 -19.03
C ARG A 168 16.89 -10.59 -18.97
N LYS A 169 17.08 -11.44 -17.95
CA LYS A 169 16.30 -12.65 -17.79
C LYS A 169 15.01 -12.39 -17.03
N LEU A 170 13.86 -12.68 -17.64
CA LEU A 170 12.58 -12.35 -17.04
C LEU A 170 12.39 -12.97 -15.65
N SER A 171 12.73 -14.24 -15.48
CA SER A 171 12.52 -14.89 -14.19
C SER A 171 13.33 -14.20 -13.10
N MET A 172 14.54 -13.75 -13.43
CA MET A 172 15.36 -13.00 -12.46
C MET A 172 14.75 -11.64 -12.14
N LEU A 173 14.30 -10.93 -13.17
CA LEU A 173 13.68 -9.62 -12.94
C LEU A 173 12.45 -9.75 -12.05
N ARG A 174 11.65 -10.78 -12.31
CA ARG A 174 10.47 -11.05 -11.50
C ARG A 174 10.84 -11.36 -10.06
N ASN A 175 11.75 -12.31 -9.87
CA ASN A 175 12.13 -12.72 -8.53
C ASN A 175 12.79 -11.58 -7.77
N ALA A 176 13.66 -10.83 -8.43
CA ALA A 176 14.37 -9.74 -7.74
C ALA A 176 13.45 -8.58 -7.40
N THR A 177 12.42 -8.32 -8.22
CA THR A 177 11.48 -7.25 -7.91
C THR A 177 10.61 -7.68 -6.72
N TRP A 178 10.23 -8.95 -6.69
CA TRP A 178 9.46 -9.47 -5.58
C TRP A 178 10.26 -9.39 -4.28
N THR A 179 11.50 -9.84 -4.34
CA THR A 179 12.37 -9.78 -3.17
C THR A 179 12.56 -8.32 -2.72
N LEU A 180 12.79 -7.42 -3.68
CA LEU A 180 12.90 -5.99 -3.33
C LEU A 180 11.65 -5.50 -2.62
N SER A 181 10.46 -5.93 -3.08
CA SER A 181 9.22 -5.48 -2.42
C SER A 181 9.15 -5.97 -0.96
N ASN A 182 9.68 -7.16 -0.68
CA ASN A 182 9.78 -7.61 0.71
C ASN A 182 10.81 -6.80 1.51
N PHE A 183 11.86 -6.33 0.86
CA PHE A 183 12.83 -5.45 1.55
C PHE A 183 12.16 -4.12 1.93
N CYS A 184 11.12 -3.74 1.18
CA CYS A 184 10.42 -2.46 1.41
C CYS A 184 9.21 -2.60 2.32
N ARG A 185 8.76 -3.84 2.53
CA ARG A 185 7.50 -4.10 3.20
C ARG A 185 7.57 -4.07 4.72
N GLY A 186 6.48 -3.65 5.36
CA GLY A 186 6.39 -3.75 6.82
C GLY A 186 6.44 -2.42 7.56
N LYS A 187 5.67 -2.31 8.64
CA LYS A 187 5.55 -1.04 9.37
C LYS A 187 5.81 -1.16 10.86
N THR A 188 6.15 -2.35 11.33
CA THR A 188 6.44 -2.55 12.76
C THR A 188 7.88 -3.02 13.04
N PRO A 189 8.88 -2.17 12.75
CA PRO A 189 8.84 -0.81 12.21
C PRO A 189 8.99 -0.79 10.70
N GLN A 190 8.93 0.39 10.11
CA GLN A 190 9.37 0.58 8.73
C GLN A 190 10.88 0.40 8.68
N PRO A 191 11.41 0.03 7.50
CA PRO A 191 12.87 -0.07 7.46
C PRO A 191 13.52 1.30 7.59
N ASP A 192 14.79 1.34 7.99
CA ASP A 192 15.52 2.61 8.04
C ASP A 192 15.47 3.32 6.70
N TRP A 193 14.98 4.56 6.68
CA TRP A 193 14.73 5.25 5.42
C TRP A 193 15.99 5.43 4.57
N ASN A 194 17.09 5.88 5.17
CA ASN A 194 18.28 6.13 4.35
C ASN A 194 18.85 4.83 3.81
N THR A 195 18.59 3.74 4.53
CA THR A 195 19.00 2.41 4.08
C THR A 195 18.23 1.92 2.87
N ILE A 196 16.92 2.17 2.84
CA ILE A 196 16.06 1.58 1.79
C ILE A 196 15.85 2.55 0.64
N ALA A 197 16.04 3.85 0.87
CA ALA A 197 15.81 4.87 -0.18
C ALA A 197 16.54 4.65 -1.51
N PRO A 198 17.74 4.03 -1.49
CA PRO A 198 18.37 3.73 -2.78
C PRO A 198 17.52 2.87 -3.74
N ALA A 199 16.48 2.22 -3.23
CA ALA A 199 15.56 1.46 -4.09
C ALA A 199 14.78 2.35 -5.07
N LEU A 200 14.58 3.61 -4.73
CA LEU A 200 13.64 4.44 -5.51
C LEU A 200 14.01 4.65 -6.98
N PRO A 201 15.29 4.99 -7.29
CA PRO A 201 15.62 5.15 -8.72
C PRO A 201 15.49 3.86 -9.51
N VAL A 202 15.67 2.71 -8.85
CA VAL A 202 15.47 1.42 -9.50
C VAL A 202 13.98 1.13 -9.72
N LEU A 203 13.16 1.37 -8.70
CA LEU A 203 11.71 1.21 -8.85
C LEU A 203 11.13 2.15 -9.89
N ALA A 204 11.72 3.34 -10.03
CA ALA A 204 11.28 4.32 -11.03
C ALA A 204 11.42 3.77 -12.45
N LYS A 205 12.40 2.88 -12.64
CA LYS A 205 12.61 2.24 -13.93
C LYS A 205 11.70 1.02 -14.11
N LEU A 206 11.47 0.29 -13.02
CA LEU A 206 10.68 -0.93 -13.06
C LEU A 206 9.19 -0.67 -13.36
N VAL A 207 8.68 0.53 -13.05
CA VAL A 207 7.27 0.81 -13.35
C VAL A 207 7.04 1.02 -14.85
N TYR A 208 8.13 0.98 -15.64
CA TYR A 208 8.00 0.96 -17.09
C TYR A 208 8.22 -0.44 -17.65
N SER A 209 8.26 -1.45 -16.78
CA SER A 209 8.44 -2.82 -17.25
C SER A 209 7.32 -3.27 -18.17
N LEU A 210 7.66 -4.06 -19.19
CA LEU A 210 6.64 -4.63 -20.07
C LEU A 210 6.03 -5.90 -19.47
N ASP A 211 6.49 -6.31 -18.31
CA ASP A 211 5.96 -7.52 -17.67
C ASP A 211 5.05 -7.18 -16.51
N ASP A 212 3.84 -7.74 -16.51
CA ASP A 212 2.88 -7.43 -15.47
C ASP A 212 3.33 -7.81 -14.04
N GLU A 213 4.04 -8.92 -13.88
CA GLU A 213 4.42 -9.33 -12.54
C GLU A 213 5.44 -8.36 -11.93
N VAL A 214 6.39 -7.93 -12.74
CA VAL A 214 7.35 -6.93 -12.34
C VAL A 214 6.63 -5.62 -12.01
N LEU A 215 5.69 -5.25 -12.87
CA LEU A 215 4.92 -4.06 -12.65
C LEU A 215 4.17 -4.09 -11.31
N ILE A 216 3.48 -5.19 -11.04
CA ILE A 216 2.71 -5.33 -9.82
C ILE A 216 3.59 -5.23 -8.57
N ASP A 217 4.70 -5.94 -8.56
CA ASP A 217 5.54 -5.96 -7.38
C ASP A 217 6.28 -4.63 -7.18
N ALA A 218 6.69 -4.00 -8.29
CA ALA A 218 7.31 -2.68 -8.19
C ALA A 218 6.30 -1.68 -7.64
N CYS A 219 5.06 -1.76 -8.10
CA CYS A 219 4.06 -0.82 -7.61
C CYS A 219 3.78 -1.05 -6.13
N TRP A 220 3.74 -2.31 -5.71
CA TRP A 220 3.56 -2.58 -4.28
C TRP A 220 4.73 -2.02 -3.46
N ALA A 221 5.96 -2.18 -3.94
CA ALA A 221 7.13 -1.67 -3.21
C ALA A 221 7.03 -0.16 -3.03
N ILE A 222 6.64 0.52 -4.10
CA ILE A 222 6.44 1.96 -4.04
C ILE A 222 5.31 2.30 -3.08
N SER A 223 4.26 1.48 -3.04
CA SER A 223 3.14 1.74 -2.14
C SER A 223 3.58 1.67 -0.68
N TYR A 224 4.56 0.81 -0.38
CA TYR A 224 5.08 0.73 0.97
C TYR A 224 5.93 1.95 1.29
N LEU A 225 6.83 2.30 0.37
CA LEU A 225 7.80 3.37 0.63
C LEU A 225 7.13 4.74 0.70
N SER A 226 6.03 4.92 -0.04
CA SER A 226 5.38 6.22 -0.09
C SER A 226 4.42 6.45 1.08
N ASP A 227 4.23 5.42 1.91
CA ASP A 227 3.41 5.55 3.10
C ASP A 227 4.25 6.02 4.27
N GLY A 228 4.14 7.30 4.62
CA GLY A 228 4.94 7.84 5.71
C GLY A 228 5.06 9.35 5.72
N SER A 229 6.14 9.86 6.29
CA SER A 229 6.29 11.30 6.41
C SER A 229 6.55 11.96 5.06
N ASN A 230 6.29 13.25 4.96
CA ASN A 230 6.31 13.94 3.68
C ASN A 230 7.68 14.03 3.02
N ASP A 231 8.77 13.83 3.78
CA ASP A 231 10.09 13.82 3.17
C ASP A 231 10.24 12.56 2.30
N LYS A 232 9.56 11.49 2.68
CA LYS A 232 9.58 10.27 1.90
C LYS A 232 8.78 10.47 0.61
N ILE A 233 7.64 11.14 0.71
CA ILE A 233 6.86 11.45 -0.48
C ILE A 233 7.69 12.30 -1.44
N GLN A 234 8.44 13.25 -0.88
CA GLN A 234 9.29 14.11 -1.69
C GLN A 234 10.33 13.30 -2.45
N ALA A 235 10.89 12.29 -1.78
CA ALA A 235 11.88 11.42 -2.42
C ALA A 235 11.26 10.68 -3.60
N VAL A 236 10.05 10.17 -3.40
CA VAL A 236 9.31 9.51 -4.48
C VAL A 236 9.08 10.46 -5.66
N ILE A 237 8.69 11.70 -5.35
CA ILE A 237 8.48 12.72 -6.38
C ILE A 237 9.77 13.04 -7.15
N GLU A 238 10.87 13.23 -6.43
CA GLU A 238 12.13 13.60 -7.06
C GLU A 238 12.71 12.45 -7.90
N ALA A 239 12.27 11.23 -7.62
CA ALA A 239 12.67 10.08 -8.44
C ALA A 239 11.91 10.03 -9.76
N GLY A 240 10.91 10.89 -9.90
CA GLY A 240 10.15 11.01 -11.14
C GLY A 240 9.02 10.01 -11.30
N ILE A 241 8.77 9.24 -10.24
CA ILE A 241 7.75 8.18 -10.20
C ILE A 241 6.26 8.58 -10.41
N PRO A 242 5.82 9.76 -9.91
CA PRO A 242 4.39 10.09 -10.03
C PRO A 242 3.79 9.97 -11.44
N ARG A 243 4.46 10.46 -12.48
CA ARG A 243 3.86 10.47 -13.81
C ARG A 243 3.46 9.09 -14.30
N ARG A 244 4.37 8.12 -14.17
CA ARG A 244 4.06 6.75 -14.59
C ARG A 244 3.01 6.11 -13.69
N LEU A 245 3.07 6.38 -12.37
CA LEU A 245 2.03 5.90 -11.46
C LEU A 245 0.64 6.34 -11.90
N VAL A 246 0.52 7.60 -12.26
CA VAL A 246 -0.77 8.12 -12.70
C VAL A 246 -1.23 7.43 -13.99
N GLU A 247 -0.29 7.15 -14.88
CA GLU A 247 -0.62 6.43 -16.10
C GLU A 247 -1.08 5.01 -15.79
N LEU A 248 -0.47 4.38 -14.78
CA LEU A 248 -0.84 3.01 -14.43
C LEU A 248 -2.21 2.92 -13.73
N LEU A 249 -2.77 4.07 -13.34
CA LEU A 249 -4.10 4.07 -12.72
C LEU A 249 -5.12 3.44 -13.66
N MET A 250 -4.89 3.57 -14.95
CA MET A 250 -5.82 3.03 -15.93
C MET A 250 -5.30 1.75 -16.62
N HIS A 251 -4.36 1.06 -15.98
CA HIS A 251 -3.89 -0.22 -16.49
C HIS A 251 -5.03 -1.23 -16.58
N ALA A 252 -4.97 -2.14 -17.56
CA ALA A 252 -6.03 -3.13 -17.76
C ALA A 252 -6.17 -4.06 -16.55
N SER A 253 -5.05 -4.35 -15.88
CA SER A 253 -5.08 -5.26 -14.76
C SER A 253 -5.41 -4.58 -13.45
N THR A 254 -6.42 -5.08 -12.74
CA THR A 254 -6.75 -4.51 -11.44
C THR A 254 -5.62 -4.77 -10.45
N SER A 255 -4.81 -5.78 -10.74
CA SER A 255 -3.67 -6.09 -9.87
C SER A 255 -2.57 -5.04 -9.96
N VAL A 256 -2.54 -4.31 -11.07
CA VAL A 256 -1.65 -3.15 -11.22
C VAL A 256 -2.33 -1.91 -10.67
N GLN A 257 -3.59 -1.72 -11.04
CA GLN A 257 -4.32 -0.54 -10.59
C GLN A 257 -4.30 -0.36 -9.08
N THR A 258 -4.47 -1.44 -8.33
CA THR A 258 -4.59 -1.35 -6.88
C THR A 258 -3.36 -0.75 -6.20
N PRO A 259 -2.15 -1.34 -6.40
CA PRO A 259 -1.01 -0.70 -5.75
C PRO A 259 -0.61 0.65 -6.38
N ALA A 260 -0.85 0.84 -7.67
CA ALA A 260 -0.58 2.15 -8.28
C ALA A 260 -1.47 3.20 -7.61
N LEU A 261 -2.75 2.87 -7.44
CA LEU A 261 -3.67 3.80 -6.80
C LEU A 261 -3.33 4.04 -5.32
N ARG A 262 -2.97 2.98 -4.59
CA ARG A 262 -2.53 3.19 -3.19
C ARG A 262 -1.34 4.17 -3.15
N SER A 263 -0.42 4.04 -4.10
CA SER A 263 0.75 4.93 -4.15
C SER A 263 0.37 6.38 -4.46
N VAL A 264 -0.52 6.58 -5.43
CA VAL A 264 -0.98 7.93 -5.76
C VAL A 264 -1.70 8.54 -4.57
N GLY A 265 -2.52 7.73 -3.91
CA GLY A 265 -3.20 8.13 -2.68
C GLY A 265 -2.24 8.51 -1.57
N ASN A 266 -1.16 7.75 -1.43
CA ASN A 266 -0.14 8.12 -0.44
C ASN A 266 0.47 9.48 -0.74
N ILE A 267 0.76 9.74 -2.02
CA ILE A 267 1.42 10.98 -2.39
C ILE A 267 0.55 12.20 -2.07
N VAL A 268 -0.77 12.08 -2.30
CA VAL A 268 -1.62 13.23 -2.00
C VAL A 268 -1.97 13.34 -0.51
N THR A 269 -1.33 12.53 0.35
CA THR A 269 -1.38 12.80 1.79
C THR A 269 -0.28 13.78 2.17
N GLY A 270 0.49 14.22 1.18
CA GLY A 270 1.56 15.19 1.38
C GLY A 270 1.02 16.61 1.40
N ASP A 271 1.91 17.60 1.29
CA ASP A 271 1.46 18.99 1.36
C ASP A 271 0.84 19.43 0.04
N ASP A 272 0.48 20.70 -0.07
CA ASP A 272 -0.28 21.17 -1.23
C ASP A 272 0.54 21.13 -2.52
N VAL A 273 1.83 21.40 -2.40
CA VAL A 273 2.72 21.39 -3.55
C VAL A 273 2.91 19.95 -4.06
N GLN A 274 3.12 19.02 -3.13
CA GLN A 274 3.26 17.61 -3.46
C GLN A 274 1.97 17.07 -4.09
N THR A 275 0.85 17.45 -3.51
CA THR A 275 -0.45 17.04 -4.02
C THR A 275 -0.67 17.59 -5.42
N GLN A 276 -0.16 18.79 -5.68
CA GLN A 276 -0.34 19.42 -6.98
C GLN A 276 0.41 18.67 -8.08
N VAL A 277 1.54 18.04 -7.75
CA VAL A 277 2.24 17.20 -8.73
C VAL A 277 1.31 16.13 -9.34
N ILE A 278 0.49 15.53 -8.48
CA ILE A 278 -0.42 14.46 -8.89
C ILE A 278 -1.52 15.02 -9.79
N ILE A 279 -2.09 16.16 -9.39
CA ILE A 279 -3.06 16.82 -10.25
C ILE A 279 -2.43 17.19 -11.60
N ASN A 280 -1.21 17.71 -11.57
CA ASN A 280 -0.58 18.19 -12.78
C ASN A 280 -0.18 17.04 -13.70
N CYS A 281 -0.02 15.85 -13.13
CA CYS A 281 0.23 14.63 -13.91
C CYS A 281 -1.05 14.07 -14.51
N GLY A 282 -2.18 14.72 -14.26
CA GLY A 282 -3.44 14.36 -14.89
C GLY A 282 -4.24 13.28 -14.18
N ALA A 283 -4.10 13.18 -12.87
CA ALA A 283 -4.76 12.11 -12.14
C ALA A 283 -6.29 12.23 -12.01
N LEU A 284 -6.82 13.46 -12.04
CA LEU A 284 -8.23 13.63 -11.72
C LEU A 284 -9.19 12.91 -12.69
N PRO A 285 -8.95 13.01 -14.02
CA PRO A 285 -9.86 12.21 -14.86
C PRO A 285 -9.71 10.70 -14.65
N CYS A 286 -8.51 10.23 -14.31
CA CYS A 286 -8.33 8.82 -13.94
C CYS A 286 -9.13 8.48 -12.68
N LEU A 287 -9.09 9.36 -11.68
CA LEU A 287 -9.80 9.11 -10.45
C LEU A 287 -11.31 9.08 -10.68
N LEU A 288 -11.80 9.94 -11.57
CA LEU A 288 -13.21 9.89 -11.96
C LEU A 288 -13.57 8.51 -12.50
N SER A 289 -12.74 8.01 -13.42
CA SER A 289 -12.96 6.68 -14.00
C SER A 289 -12.94 5.58 -12.93
N LEU A 290 -12.00 5.67 -11.99
CA LEU A 290 -11.86 4.63 -11.00
C LEU A 290 -13.04 4.55 -10.04
N LEU A 291 -13.81 5.63 -9.91
CA LEU A 291 -15.03 5.57 -9.10
C LEU A 291 -16.04 4.58 -9.69
N SER A 292 -15.90 4.25 -10.98
CA SER A 292 -16.76 3.26 -11.61
C SER A 292 -16.09 1.90 -11.77
N SER A 293 -14.99 1.68 -11.06
CA SER A 293 -14.32 0.38 -11.08
C SER A 293 -15.23 -0.77 -10.67
N ASN A 294 -14.99 -1.95 -11.24
CA ASN A 294 -15.68 -3.15 -10.81
C ASN A 294 -15.20 -3.66 -9.44
N LYS A 295 -14.11 -3.10 -8.92
CA LYS A 295 -13.58 -3.56 -7.63
C LYS A 295 -13.94 -2.59 -6.52
N ASP A 296 -14.64 -3.06 -5.49
CA ASP A 296 -15.03 -2.22 -4.35
C ASP A 296 -13.84 -1.51 -3.73
N GLY A 297 -12.72 -2.23 -3.63
CA GLY A 297 -11.53 -1.68 -2.98
C GLY A 297 -10.93 -0.53 -3.75
N ILE A 298 -11.05 -0.58 -5.07
CA ILE A 298 -10.53 0.46 -5.92
C ILE A 298 -11.42 1.70 -5.81
N ARG A 299 -12.73 1.50 -5.85
CA ARG A 299 -13.66 2.62 -5.66
C ARG A 299 -13.40 3.29 -4.31
N LYS A 300 -13.24 2.48 -3.26
CA LYS A 300 -12.94 3.01 -1.92
C LYS A 300 -11.65 3.83 -1.87
N GLU A 301 -10.57 3.30 -2.45
CA GLU A 301 -9.30 4.00 -2.40
C GLU A 301 -9.28 5.22 -3.32
N ALA A 302 -10.07 5.19 -4.39
CA ALA A 302 -10.21 6.37 -5.23
C ALA A 302 -10.89 7.50 -4.43
N CYS A 303 -11.92 7.16 -3.68
CA CYS A 303 -12.58 8.13 -2.80
C CYS A 303 -11.65 8.68 -1.72
N TRP A 304 -10.85 7.81 -1.13
CA TRP A 304 -9.87 8.20 -0.13
C TRP A 304 -8.89 9.20 -0.75
N THR A 305 -8.36 8.87 -1.92
CA THR A 305 -7.43 9.71 -2.66
C THR A 305 -8.05 11.08 -2.96
N ILE A 306 -9.27 11.07 -3.48
CA ILE A 306 -9.95 12.33 -3.77
C ILE A 306 -10.12 13.16 -2.49
N SER A 307 -10.46 12.49 -1.38
CA SER A 307 -10.65 13.20 -0.11
C SER A 307 -9.39 13.94 0.34
N ASN A 308 -8.22 13.40 0.02
CA ASN A 308 -7.02 14.07 0.46
C ASN A 308 -6.62 15.17 -0.51
N ILE A 309 -7.30 15.23 -1.65
CA ILE A 309 -7.14 16.33 -2.58
C ILE A 309 -8.10 17.48 -2.18
N THR A 310 -9.34 17.14 -1.80
CA THR A 310 -10.29 18.17 -1.37
C THR A 310 -9.95 18.67 0.04
N ALA A 311 -8.98 18.01 0.68
CA ALA A 311 -8.41 18.52 1.93
C ALA A 311 -7.38 19.61 1.64
N GLY A 312 -7.11 19.84 0.35
CA GLY A 312 -6.10 20.78 -0.09
C GLY A 312 -6.60 22.22 -0.12
N ASN A 313 -5.97 23.04 -0.96
CA ASN A 313 -6.31 24.45 -1.01
C ASN A 313 -7.51 24.70 -1.91
N SER A 314 -7.92 25.96 -2.00
CA SER A 314 -9.13 26.32 -2.76
C SER A 314 -9.05 25.91 -4.22
N ALA A 315 -7.88 26.09 -4.83
CA ALA A 315 -7.73 25.77 -6.25
C ALA A 315 -7.80 24.26 -6.47
N GLN A 316 -7.33 23.50 -5.48
CA GLN A 316 -7.37 22.04 -5.59
C GLN A 316 -8.80 21.51 -5.46
N ILE A 317 -9.59 22.08 -4.53
CA ILE A 317 -11.02 21.77 -4.49
C ILE A 317 -11.66 22.11 -5.84
N GLN A 318 -11.30 23.26 -6.39
CA GLN A 318 -11.91 23.70 -7.66
C GLN A 318 -11.56 22.72 -8.78
N SER A 319 -10.32 22.21 -8.75
CA SER A 319 -9.89 21.23 -9.75
C SER A 319 -10.76 19.98 -9.69
N VAL A 320 -11.11 19.54 -8.49
CA VAL A 320 -11.95 18.36 -8.33
C VAL A 320 -13.36 18.65 -8.86
N ILE A 321 -13.88 19.82 -8.52
CA ILE A 321 -15.17 20.24 -9.08
C ILE A 321 -15.14 20.30 -10.61
N ASP A 322 -14.09 20.89 -11.15
CA ASP A 322 -14.01 21.07 -12.60
C ASP A 322 -13.80 19.74 -13.33
N ALA A 323 -13.32 18.73 -12.60
CA ALA A 323 -13.14 17.36 -13.13
C ALA A 323 -14.42 16.53 -13.10
N ASN A 324 -15.54 17.14 -12.70
CA ASN A 324 -16.87 16.51 -12.64
C ASN A 324 -16.95 15.33 -11.68
N ILE A 325 -16.17 15.41 -10.60
CA ILE A 325 -16.07 14.33 -9.63
C ILE A 325 -17.16 14.40 -8.55
N ILE A 326 -17.75 15.58 -8.37
CA ILE A 326 -18.68 15.74 -7.24
C ILE A 326 -19.99 14.95 -7.40
N PRO A 327 -20.61 14.96 -8.59
CA PRO A 327 -21.83 14.12 -8.62
C PRO A 327 -21.60 12.61 -8.35
N PRO A 328 -20.56 11.97 -8.94
CA PRO A 328 -20.37 10.55 -8.57
C PRO A 328 -20.06 10.36 -7.08
N LEU A 329 -19.31 11.27 -6.48
CA LEU A 329 -19.05 11.21 -5.04
C LEU A 329 -20.33 11.23 -4.22
N ILE A 330 -21.26 12.12 -4.59
CA ILE A 330 -22.51 12.24 -3.85
C ILE A 330 -23.36 10.98 -4.01
N HIS A 331 -23.34 10.42 -5.21
CA HIS A 331 -23.91 9.10 -5.47
C HIS A 331 -23.35 8.05 -4.53
N LEU A 332 -22.02 7.93 -4.48
CA LEU A 332 -21.37 6.95 -3.60
C LEU A 332 -21.65 7.20 -2.12
N LEU A 333 -21.93 8.45 -1.75
CA LEU A 333 -22.31 8.79 -0.38
C LEU A 333 -23.52 7.99 0.10
N SER A 334 -24.44 7.70 -0.82
CA SER A 334 -25.68 7.00 -0.49
C SER A 334 -25.62 5.52 -0.84
N HIS A 335 -25.07 5.22 -2.00
CA HIS A 335 -24.94 3.83 -2.43
C HIS A 335 -23.57 3.33 -2.01
N ALA A 336 -23.13 2.20 -2.57
CA ALA A 336 -21.85 1.58 -2.21
C ALA A 336 -21.80 1.17 -0.73
N ASP A 337 -20.77 0.39 -0.37
CA ASP A 337 -20.67 -0.16 0.98
C ASP A 337 -20.27 0.94 1.98
N LEU A 338 -20.36 0.61 3.27
CA LEU A 338 -20.10 1.57 4.34
C LEU A 338 -18.67 2.13 4.31
N LYS A 339 -17.70 1.29 3.96
CA LYS A 339 -16.30 1.76 3.89
C LYS A 339 -16.13 2.82 2.82
N THR A 340 -16.78 2.62 1.67
CA THR A 340 -16.75 3.60 0.59
C THR A 340 -17.50 4.87 0.98
N ARG A 341 -18.68 4.71 1.58
CA ARG A 341 -19.46 5.87 2.02
C ARG A 341 -18.66 6.76 2.99
N LYS A 342 -17.92 6.12 3.90
CA LYS A 342 -17.09 6.86 4.85
C LYS A 342 -16.07 7.73 4.12
N GLU A 343 -15.42 7.16 3.11
CA GLU A 343 -14.44 7.91 2.34
C GLU A 343 -15.09 9.05 1.56
N ALA A 344 -16.23 8.77 0.93
CA ALA A 344 -16.97 9.80 0.18
C ALA A 344 -17.40 10.94 1.10
N CYS A 345 -17.77 10.58 2.32
CA CYS A 345 -18.12 11.57 3.33
C CYS A 345 -16.96 12.52 3.62
N TRP A 346 -15.78 11.96 3.86
CA TRP A 346 -14.60 12.80 4.03
C TRP A 346 -14.37 13.71 2.82
N ALA A 347 -14.50 13.16 1.62
CA ALA A 347 -14.20 13.92 0.41
C ALA A 347 -15.13 15.13 0.29
N ILE A 348 -16.41 14.90 0.51
CA ILE A 348 -17.41 15.94 0.34
C ILE A 348 -17.28 16.99 1.45
N SER A 349 -17.18 16.52 2.69
CA SER A 349 -17.00 17.43 3.82
C SER A 349 -15.73 18.29 3.72
N ASN A 350 -14.60 17.67 3.36
CA ASN A 350 -13.36 18.42 3.17
C ASN A 350 -13.54 19.55 2.16
N ALA A 351 -14.32 19.29 1.11
CA ALA A 351 -14.56 20.26 0.05
C ALA A 351 -15.39 21.47 0.50
N THR A 352 -15.94 21.43 1.71
CA THR A 352 -16.71 22.56 2.23
C THR A 352 -15.84 23.57 2.98
N SER A 353 -14.53 23.36 2.95
CA SER A 353 -13.61 24.13 3.79
C SER A 353 -13.40 25.59 3.36
N GLY A 354 -13.84 25.96 2.16
CA GLY A 354 -13.53 27.28 1.63
C GLY A 354 -14.71 28.24 1.54
N GLY A 355 -15.61 28.16 2.52
CA GLY A 355 -16.78 29.02 2.54
C GLY A 355 -16.45 30.51 2.63
N LEU A 356 -15.29 30.83 3.19
CA LEU A 356 -14.85 32.22 3.30
C LEU A 356 -14.22 32.71 1.99
N GLN A 357 -13.26 31.94 1.50
CA GLN A 357 -12.53 32.32 0.29
C GLN A 357 -13.39 32.22 -0.98
N LYS A 358 -14.16 31.15 -1.12
CA LYS A 358 -14.93 30.94 -2.35
C LYS A 358 -16.22 30.18 -2.09
N PRO A 359 -17.22 30.87 -1.53
CA PRO A 359 -18.47 30.22 -1.11
C PRO A 359 -19.24 29.58 -2.27
N ASP A 360 -18.89 29.91 -3.50
CA ASP A 360 -19.52 29.30 -4.66
C ASP A 360 -19.30 27.79 -4.70
N GLN A 361 -18.22 27.31 -4.08
CA GLN A 361 -17.96 25.88 -4.06
C GLN A 361 -19.03 25.17 -3.23
N ILE A 362 -19.30 25.66 -2.02
CA ILE A 362 -20.34 25.10 -1.17
C ILE A 362 -21.72 25.21 -1.83
N ARG A 363 -21.99 26.31 -2.51
CA ARG A 363 -23.30 26.47 -3.12
C ARG A 363 -23.48 25.43 -4.23
N TYR A 364 -22.38 25.09 -4.90
CA TYR A 364 -22.40 24.02 -5.89
C TYR A 364 -22.58 22.65 -5.25
N LEU A 365 -21.88 22.38 -4.14
CA LEU A 365 -22.04 21.11 -3.44
C LEU A 365 -23.50 20.93 -3.03
N VAL A 366 -24.12 22.00 -2.55
CA VAL A 366 -25.52 21.94 -2.15
C VAL A 366 -26.41 21.70 -3.36
N ALA A 367 -26.11 22.38 -4.47
CA ALA A 367 -26.94 22.26 -5.66
C ALA A 367 -26.90 20.82 -6.19
N GLN A 368 -25.79 20.13 -5.96
CA GLN A 368 -25.63 18.75 -6.42
C GLN A 368 -26.20 17.73 -5.45
N GLY A 369 -26.83 18.22 -4.38
CA GLY A 369 -27.56 17.36 -3.46
C GLY A 369 -26.76 16.75 -2.32
N CYS A 370 -25.82 17.51 -1.74
CA CYS A 370 -24.96 16.93 -0.71
C CYS A 370 -25.61 16.90 0.66
N ILE A 371 -26.62 17.74 0.90
CA ILE A 371 -27.15 17.91 2.26
C ILE A 371 -27.82 16.66 2.83
N LYS A 372 -28.75 16.06 2.10
CA LYS A 372 -29.46 14.89 2.61
C LYS A 372 -28.56 13.69 2.92
N PRO A 373 -27.66 13.31 1.99
CA PRO A 373 -26.76 12.19 2.36
C PRO A 373 -25.86 12.49 3.56
N LEU A 374 -25.41 13.73 3.72
CA LEU A 374 -24.62 14.09 4.91
C LEU A 374 -25.44 13.94 6.19
N CYS A 375 -26.72 14.31 6.13
CA CYS A 375 -27.61 14.22 7.28
C CYS A 375 -27.87 12.77 7.67
N ASP A 376 -28.00 11.90 6.67
CA ASP A 376 -28.24 10.49 6.92
C ASP A 376 -27.06 9.85 7.65
N LEU A 377 -25.88 10.41 7.48
CA LEU A 377 -24.67 9.89 8.11
C LEU A 377 -24.54 10.32 9.57
N LEU A 378 -25.49 11.10 10.06
CA LEU A 378 -25.44 11.55 11.44
C LEU A 378 -25.88 10.43 12.38
N ALA A 379 -26.39 9.34 11.81
CA ALA A 379 -26.80 8.18 12.58
C ALA A 379 -25.78 7.05 12.44
N CYS A 380 -24.60 7.38 11.94
CA CYS A 380 -23.53 6.39 11.80
C CYS A 380 -22.92 6.09 13.16
N PRO A 381 -22.81 4.79 13.51
CA PRO A 381 -22.23 4.38 14.79
C PRO A 381 -20.80 4.87 14.99
N ASP A 382 -20.09 5.12 13.89
CA ASP A 382 -18.73 5.66 13.96
C ASP A 382 -18.75 7.15 14.28
N ASN A 383 -18.28 7.51 15.47
CA ASN A 383 -18.30 8.90 15.90
C ASN A 383 -17.43 9.83 15.06
N LYS A 384 -16.40 9.28 14.41
CA LYS A 384 -15.56 10.10 13.55
C LYS A 384 -16.36 10.59 12.36
N ILE A 385 -17.17 9.70 11.79
CA ILE A 385 -18.00 10.04 10.63
C ILE A 385 -19.05 11.08 11.01
N ILE A 386 -19.67 10.89 12.17
CA ILE A 386 -20.61 11.86 12.71
C ILE A 386 -19.99 13.26 12.79
N GLN A 387 -18.80 13.36 13.36
CA GLN A 387 -18.11 14.64 13.49
C GLN A 387 -17.85 15.27 12.13
N VAL A 388 -17.40 14.45 11.17
CA VAL A 388 -17.06 14.95 9.84
C VAL A 388 -18.29 15.44 9.10
N ALA A 389 -19.40 14.71 9.22
CA ALA A 389 -20.67 15.12 8.62
C ALA A 389 -21.18 16.42 9.24
N LEU A 390 -21.06 16.53 10.56
CA LEU A 390 -21.45 17.75 11.27
C LEU A 390 -20.61 18.94 10.86
N ASP A 391 -19.30 18.72 10.70
CA ASP A 391 -18.39 19.78 10.25
C ASP A 391 -18.83 20.33 8.89
N GLY A 392 -19.13 19.43 7.97
CA GLY A 392 -19.54 19.84 6.64
C GLY A 392 -20.84 20.63 6.70
N LEU A 393 -21.79 20.12 7.47
CA LEU A 393 -23.11 20.76 7.57
C LEU A 393 -23.03 22.15 8.20
N GLU A 394 -22.15 22.33 9.18
CA GLU A 394 -21.97 23.65 9.77
C GLU A 394 -21.36 24.62 8.77
N ASN A 395 -20.37 24.13 8.01
CA ASN A 395 -19.78 24.93 6.94
C ASN A 395 -20.82 25.32 5.89
N ILE A 396 -21.74 24.40 5.60
CA ILE A 396 -22.83 24.69 4.68
C ILE A 396 -23.73 25.78 5.25
N LEU A 397 -24.10 25.61 6.52
CA LEU A 397 -24.97 26.55 7.20
C LEU A 397 -24.43 27.97 7.23
N LYS A 398 -23.12 28.11 7.42
CA LYS A 398 -22.51 29.43 7.46
C LYS A 398 -22.70 30.18 6.14
N VAL A 399 -22.64 29.47 5.02
CA VAL A 399 -22.82 30.11 3.72
C VAL A 399 -24.29 30.47 3.52
N GLY A 400 -25.19 29.59 3.99
CA GLY A 400 -26.61 29.86 3.93
C GLY A 400 -26.98 31.10 4.73
N GLU A 401 -26.33 31.28 5.88
CA GLU A 401 -26.54 32.46 6.70
C GLU A 401 -25.97 33.69 6.00
N LEU A 402 -24.78 33.53 5.42
CA LEU A 402 -24.15 34.60 4.66
C LEU A 402 -25.05 35.09 3.52
N ASP A 403 -25.68 34.14 2.82
CA ASP A 403 -26.57 34.47 1.72
C ASP A 403 -27.82 35.20 2.20
N LYS A 404 -28.24 34.86 3.41
CA LYS A 404 -29.40 35.50 4.04
C LYS A 404 -29.14 36.98 4.34
N ASN A 405 -28.00 37.27 4.96
CA ASN A 405 -27.68 38.64 5.38
C ASN A 405 -27.49 39.60 4.21
N ALA A 406 -27.15 39.05 3.03
CA ALA A 406 -27.00 39.87 1.83
C ALA A 406 -28.35 40.10 1.15
N ALA A 407 -29.36 39.39 1.63
CA ALA A 407 -30.71 39.51 1.06
C ALA A 407 -31.57 40.46 1.90
N SER A 413 -36.60 36.83 4.73
CA SER A 413 -35.16 36.62 4.62
C SER A 413 -34.71 35.54 5.61
N ILE A 414 -34.45 34.34 5.09
CA ILE A 414 -34.05 33.21 5.93
C ILE A 414 -32.77 32.53 5.43
N ASN A 415 -32.30 31.56 6.22
CA ASN A 415 -31.19 30.69 5.82
C ASN A 415 -31.75 29.51 5.04
N ARG A 416 -31.62 29.57 3.72
CA ARG A 416 -32.23 28.58 2.82
C ARG A 416 -31.74 27.16 3.09
N TYR A 417 -30.48 27.04 3.48
CA TYR A 417 -29.87 25.73 3.72
C TYR A 417 -30.38 25.13 5.02
N ALA A 418 -30.53 25.97 6.04
CA ALA A 418 -31.09 25.54 7.31
C ALA A 418 -32.50 25.01 7.11
N LEU A 419 -33.24 25.67 6.23
CA LEU A 419 -34.57 25.20 5.86
C LEU A 419 -34.49 23.84 5.18
N PHE A 420 -33.54 23.68 4.26
CA PHE A 420 -33.30 22.41 3.58
C PHE A 420 -33.11 21.28 4.59
N ILE A 421 -32.12 21.47 5.48
CA ILE A 421 -31.80 20.50 6.52
C ILE A 421 -33.02 20.15 7.36
N GLU A 422 -33.83 21.15 7.68
CA GLU A 422 -34.98 20.97 8.55
C GLU A 422 -36.03 20.01 7.99
N GLU A 423 -36.46 20.23 6.75
CA GLU A 423 -37.59 19.47 6.23
C GLU A 423 -37.19 18.09 5.67
N CYS A 424 -35.89 17.83 5.57
CA CYS A 424 -35.47 16.50 5.12
C CYS A 424 -35.26 15.58 6.32
N GLY A 425 -35.60 16.09 7.50
CA GLY A 425 -35.45 15.33 8.74
C GLY A 425 -34.05 15.46 9.31
N GLY A 426 -33.25 16.34 8.73
CA GLY A 426 -31.88 16.52 9.14
C GLY A 426 -31.77 17.16 10.51
N MET A 427 -32.65 18.12 10.79
CA MET A 427 -32.61 18.85 12.05
C MET A 427 -32.74 17.91 13.24
N GLU A 428 -33.63 16.93 13.13
CA GLU A 428 -33.83 15.94 14.20
C GLU A 428 -32.57 15.15 14.46
N LYS A 429 -31.88 14.78 13.38
CA LYS A 429 -30.66 13.98 13.51
C LYS A 429 -29.52 14.76 14.16
N ILE A 430 -29.44 16.05 13.87
CA ILE A 430 -28.50 16.93 14.57
C ILE A 430 -28.90 17.05 16.04
N HIS A 431 -30.20 16.98 16.30
CA HIS A 431 -30.75 17.11 17.63
C HIS A 431 -30.44 15.88 18.47
N ASP A 432 -30.45 14.71 17.84
CA ASP A 432 -30.13 13.47 18.53
C ASP A 432 -28.63 13.35 18.80
N CYS A 433 -27.84 14.17 18.10
CA CYS A 433 -26.40 14.17 18.26
C CYS A 433 -25.97 14.88 19.55
N GLN A 434 -26.94 15.45 20.25
CA GLN A 434 -26.65 16.14 21.50
C GLN A 434 -26.52 15.11 22.64
N THR A 435 -26.90 13.87 22.34
CA THR A 435 -26.84 12.78 23.31
C THR A 435 -25.75 11.77 22.93
N ASN A 436 -24.69 12.30 22.33
CA ASN A 436 -23.64 11.49 21.72
C ASN A 436 -22.56 11.04 22.71
N ALA A 437 -22.50 11.72 23.84
CA ALA A 437 -21.63 11.38 24.98
C ALA A 437 -20.15 11.67 24.74
N ASN A 438 -19.77 12.07 23.53
CA ASN A 438 -18.37 12.41 23.29
C ASN A 438 -18.08 13.83 23.76
N GLU A 439 -17.57 14.67 22.86
CA GLU A 439 -17.16 16.02 23.25
C GLU A 439 -17.48 17.02 22.15
N GLU A 440 -16.63 17.07 21.13
CA GLU A 440 -16.75 18.05 20.07
C GLU A 440 -17.90 17.74 19.11
N ILE A 441 -18.68 16.70 19.42
CA ILE A 441 -19.83 16.34 18.61
C ILE A 441 -21.13 16.91 19.16
N TYR A 442 -21.43 16.62 20.43
CA TYR A 442 -22.69 17.08 21.01
C TYR A 442 -22.58 18.53 21.44
N MET A 443 -21.34 19.03 21.52
CA MET A 443 -21.09 20.47 21.64
C MET A 443 -21.35 21.14 20.31
N LYS A 444 -20.86 20.51 19.23
CA LYS A 444 -21.09 20.98 17.87
C LYS A 444 -22.57 21.01 17.56
N ALA A 445 -23.25 19.92 17.89
CA ALA A 445 -24.69 19.79 17.64
C ALA A 445 -25.48 20.86 18.39
N TYR A 446 -25.11 21.12 19.64
CA TYR A 446 -25.79 22.13 20.44
C TYR A 446 -25.67 23.51 19.81
N ASN A 447 -24.46 23.91 19.44
CA ASN A 447 -24.21 25.23 18.87
C ASN A 447 -24.95 25.45 17.55
N ILE A 448 -25.10 24.38 16.77
CA ILE A 448 -25.82 24.45 15.51
C ILE A 448 -27.30 24.67 15.77
N ILE A 449 -27.87 23.92 16.70
CA ILE A 449 -29.28 24.09 17.06
C ILE A 449 -29.51 25.49 17.62
N GLU A 450 -28.54 25.98 18.39
CA GLU A 450 -28.63 27.31 18.99
C GLU A 450 -28.60 28.44 17.96
N LYS A 451 -27.64 28.36 17.04
CA LYS A 451 -27.41 29.45 16.10
C LYS A 451 -28.31 29.40 14.85
N TYR A 452 -28.86 28.23 14.54
CA TYR A 452 -29.56 28.06 13.27
C TYR A 452 -30.98 27.50 13.39
N PHE A 453 -31.28 26.81 14.48
CA PHE A 453 -32.59 26.18 14.63
C PHE A 453 -33.27 26.54 15.96
N SER A 454 -33.04 27.77 16.42
CA SER A 454 -33.66 28.24 17.65
C SER A 454 -34.82 29.17 17.37
N LYS B 4 -4.29 18.32 7.58
CA LYS B 4 -5.68 17.97 7.31
C LYS B 4 -5.75 16.67 6.50
N LYS B 5 -4.60 16.09 6.21
CA LYS B 5 -4.52 14.87 5.40
C LYS B 5 -4.61 13.60 6.25
N ARG B 6 -5.29 12.58 5.73
CA ARG B 6 -5.39 11.29 6.42
C ARG B 6 -4.47 10.26 5.79
N LYS B 7 -3.37 9.93 6.47
CA LYS B 7 -2.46 8.92 5.96
C LYS B 7 -3.00 7.53 6.27
N VAL B 8 -2.44 6.52 5.61
CA VAL B 8 -2.85 5.13 5.85
C VAL B 8 -2.77 4.76 7.33
N PRO C 1 3.00 -9.81 -3.65
CA PRO C 1 2.41 -9.77 -2.32
C PRO C 1 2.21 -11.05 -1.53
N PRO C 2 2.50 -12.25 -2.07
CA PRO C 2 2.75 -13.22 -1.00
C PRO C 2 4.01 -12.83 -0.23
N LYS C 3 4.06 -13.12 1.06
CA LYS C 3 5.25 -12.83 1.85
C LYS C 3 6.35 -13.84 1.57
N LYS C 4 5.95 -15.06 1.24
CA LYS C 4 6.90 -16.14 0.92
C LYS C 4 6.41 -16.95 -0.27
N LYS C 5 7.35 -17.57 -0.96
CA LYS C 5 7.04 -18.44 -2.10
C LYS C 5 7.87 -19.71 -2.00
N ARG C 6 7.24 -20.87 -2.10
CA ARG C 6 8.01 -22.11 -2.14
C ARG C 6 8.30 -22.48 -3.59
N LYS C 7 9.53 -22.87 -3.86
CA LYS C 7 9.94 -23.19 -5.23
C LYS C 7 9.59 -24.63 -5.57
N VAL C 8 8.62 -24.73 -6.48
CA VAL C 8 8.04 -25.95 -7.01
C VAL C 8 7.44 -26.79 -5.91
#